data_8CBX
#
_entry.id   8CBX
#
_cell.length_a   80.015
_cell.length_b   80.015
_cell.length_c   254.161
_cell.angle_alpha   90.000
_cell.angle_beta   90.000
_cell.angle_gamma   120.000
#
_symmetry.space_group_name_H-M   'P 65 2 2'
#
loop_
_entity.id
_entity.type
_entity.pdbx_description
1 polymer 'anti-cortisol (17) Fab (light chain)'
2 polymer 'anti-cortisol (17) Fab (heavy chain)'
3 non-polymer 'TETRAETHYLENE GLYCOL'
4 water water
#
loop_
_entity_poly.entity_id
_entity_poly.type
_entity_poly.pdbx_seq_one_letter_code
_entity_poly.pdbx_strand_id
1 'polypeptide(L)'
;DIELTQSPAVMSAFPGEEVTMTCSASSSINYMHWYQQKPGTSPKRWIYDTSKLASGVPARFSGSGSGTSYSLTISSMEAE
DAATYYCHQRSIFTFGSGTKLEIKRADAAPTVSIFPPSSEQLTSGGASVVCFLNNFYPKDINVKWKIDGSERQNGVLNSW
TDQDSKDSTYSMSSTLTLTKDEYERHNSYTCEATHKTSTSPIVKSFNRNEC
;
L
2 'polypeptide(L)'
;EVQLVESGGGLVKPGGSLKLSCAASGFAFGNYDMSWVRQTPEKRLEWVAFIGSGGGRIYYGDTMKGRFTISRDNAKNTLY
LQMSSLKSEDTAMYYCTRHYNYYYSMDYWGQGTSVIVSSAKTTPPSVYPLAPGSAAQTNSMVTLGCLVKGYFPEPVTVTW
NSGSLSSGVHTFPAVLQSDLYTLSSSVTVPSSTWPSETVTCNVAHPASSTKVDKKIVPRDCAAAHHHHHH
;
H
#
loop_
_chem_comp.id
_chem_comp.type
_chem_comp.name
_chem_comp.formula
PG4 non-polymer 'TETRAETHYLENE GLYCOL' 'C8 H18 O5'
#
# COMPACT_ATOMS: atom_id res chain seq x y z
N ASP A 1 -4.08 28.67 -7.12
CA ASP A 1 -3.99 28.77 -8.58
C ASP A 1 -5.15 28.02 -9.23
N ILE A 2 -4.91 27.52 -10.44
CA ILE A 2 -5.80 26.53 -11.04
C ILE A 2 -5.55 25.21 -10.33
N GLU A 3 -6.58 24.66 -9.70
CA GLU A 3 -6.46 23.39 -9.01
C GLU A 3 -7.57 22.44 -9.42
N LEU A 4 -7.31 21.15 -9.22
CA LEU A 4 -8.19 20.09 -9.67
C LEU A 4 -8.80 19.37 -8.46
N THR A 5 -10.02 18.89 -8.65
CA THR A 5 -10.68 18.00 -7.71
C THR A 5 -11.31 16.87 -8.51
N GLN A 6 -11.48 15.71 -7.89
CA GLN A 6 -12.04 14.56 -8.59
C GLN A 6 -13.22 13.98 -7.83
N SER A 7 -14.14 13.36 -8.57
CA SER A 7 -15.29 12.78 -7.94
C SER A 7 -15.80 11.63 -8.79
N PRO A 8 -16.29 10.54 -8.17
CA PRO A 8 -16.28 10.24 -6.72
C PRO A 8 -14.90 9.80 -6.27
N ALA A 9 -14.61 9.85 -4.98
CA ALA A 9 -13.30 9.40 -4.51
C ALA A 9 -13.17 7.89 -4.59
N VAL A 10 -14.25 7.17 -4.29
CA VAL A 10 -14.28 5.71 -4.33
C VAL A 10 -15.57 5.30 -5.02
N MET A 11 -15.52 4.25 -5.84
CA MET A 11 -16.74 3.71 -6.42
C MET A 11 -16.49 2.26 -6.77
N SER A 12 -17.55 1.47 -6.73
CA SER A 12 -17.44 0.08 -7.13
C SER A 12 -18.60 -0.27 -8.04
N ALA A 13 -18.37 -1.27 -8.90
CA ALA A 13 -19.31 -1.65 -9.93
C ALA A 13 -19.07 -3.10 -10.29
N PHE A 14 -20.14 -3.78 -10.73
CA PHE A 14 -19.95 -5.10 -11.30
C PHE A 14 -19.36 -4.98 -12.71
N PRO A 15 -18.57 -5.97 -13.13
CA PRO A 15 -18.20 -6.06 -14.55
C PRO A 15 -19.44 -6.10 -15.43
N GLY A 16 -19.37 -5.40 -16.57
CA GLY A 16 -20.50 -5.26 -17.48
C GLY A 16 -21.21 -3.94 -17.40
N GLU A 17 -20.90 -3.11 -16.41
CA GLU A 17 -21.55 -1.82 -16.19
C GLU A 17 -20.80 -0.67 -16.88
N GLU A 18 -21.53 0.41 -17.14
CA GLU A 18 -20.92 1.67 -17.57
C GLU A 18 -20.39 2.41 -16.34
N VAL A 19 -19.23 3.05 -16.50
CA VAL A 19 -18.53 3.75 -15.41
C VAL A 19 -18.11 5.12 -15.91
N THR A 20 -18.38 6.17 -15.09
CA THR A 20 -17.99 7.55 -15.40
C THR A 20 -17.37 8.17 -14.16
N MET A 21 -16.25 8.90 -14.33
CA MET A 21 -15.65 9.64 -13.22
C MET A 21 -15.26 11.04 -13.70
N THR A 22 -15.33 12.01 -12.78
CA THR A 22 -15.25 13.42 -13.16
C THR A 22 -14.03 14.11 -12.56
N CYS A 23 -13.44 15.03 -13.32
CA CYS A 23 -12.32 15.87 -12.89
C CYS A 23 -12.63 17.32 -13.23
N SER A 24 -12.61 18.20 -12.23
CA SER A 24 -12.99 19.58 -12.49
C SER A 24 -11.88 20.53 -12.06
N ALA A 25 -11.89 21.71 -12.70
CA ALA A 25 -10.85 22.71 -12.59
C ALA A 25 -11.44 24.02 -12.09
N SER A 26 -10.71 24.69 -11.19
CA SER A 26 -11.17 25.94 -10.60
C SER A 26 -11.32 27.05 -11.63
N SER A 27 -10.64 26.94 -12.78
CA SER A 27 -10.87 27.84 -13.90
C SER A 27 -10.57 27.09 -15.18
N SER A 28 -10.87 27.72 -16.31
CA SER A 28 -10.80 27.06 -17.61
C SER A 28 -9.37 26.71 -17.99
N ILE A 29 -9.18 25.43 -18.33
CA ILE A 29 -7.86 24.92 -18.81
C ILE A 29 -8.17 23.89 -19.91
N ASN A 30 -7.18 23.49 -20.71
CA ASN A 30 -7.43 22.56 -21.84
C ASN A 30 -6.38 21.46 -21.93
N TYR A 31 -6.62 20.44 -22.77
CA TYR A 31 -5.68 19.31 -22.97
C TYR A 31 -5.47 18.54 -21.65
N MET A 32 -6.52 17.90 -21.13
CA MET A 32 -6.45 17.18 -19.83
C MET A 32 -5.87 15.79 -20.01
N HIS A 33 -5.12 15.33 -19.01
CA HIS A 33 -4.50 13.99 -19.04
C HIS A 33 -5.04 13.15 -17.90
N TRP A 34 -4.87 11.82 -18.02
CA TRP A 34 -5.38 10.84 -17.06
C TRP A 34 -4.39 9.68 -16.94
N TYR A 35 -4.02 9.34 -15.69
CA TYR A 35 -3.01 8.33 -15.38
C TYR A 35 -3.59 7.19 -14.53
N GLN A 36 -3.20 5.96 -14.84
CA GLN A 36 -3.67 4.77 -14.12
C GLN A 36 -2.59 4.25 -13.18
N GLN A 37 -2.96 3.95 -11.93
CA GLN A 37 -2.06 3.31 -10.97
C GLN A 37 -2.72 2.12 -10.26
N LYS A 38 -1.96 1.02 -10.13
CA LYS A 38 -2.28 -0.18 -9.36
C LYS A 38 -1.25 -0.38 -8.25
N PRO A 39 -1.62 -1.01 -7.13
CA PRO A 39 -0.73 -1.02 -5.95
C PRO A 39 0.61 -1.67 -6.27
N GLY A 40 1.68 -1.04 -5.78
CA GLY A 40 3.02 -1.54 -6.00
C GLY A 40 3.70 -1.13 -7.28
N THR A 41 3.04 -0.40 -8.18
CA THR A 41 3.68 0.02 -9.42
C THR A 41 3.45 1.52 -9.67
N SER A 42 4.21 2.04 -10.65
CA SER A 42 4.20 3.45 -10.96
C SER A 42 2.91 3.89 -11.68
N PRO A 43 2.56 5.18 -11.60
CA PRO A 43 1.47 5.66 -12.47
C PRO A 43 1.83 5.42 -13.93
N LYS A 44 0.80 5.31 -14.75
CA LYS A 44 0.93 4.93 -16.15
C LYS A 44 0.06 5.85 -17.01
N ARG A 45 0.59 6.37 -18.11
CA ARG A 45 -0.24 7.20 -19.02
C ARG A 45 -1.39 6.36 -19.61
N TRP A 46 -2.62 6.84 -19.46
CA TRP A 46 -3.81 6.11 -19.97
C TRP A 46 -4.50 6.95 -21.04
N ILE A 47 -4.93 8.14 -20.66
CA ILE A 47 -5.56 9.07 -21.63
C ILE A 47 -4.76 10.37 -21.62
N TYR A 48 -4.65 11.02 -22.78
CA TYR A 48 -3.91 12.29 -22.88
C TYR A 48 -4.57 13.23 -23.90
N ASP A 49 -4.35 14.53 -23.74
CA ASP A 49 -4.90 15.55 -24.67
C ASP A 49 -6.43 15.46 -24.64
N THR A 50 -6.99 15.24 -23.45
CA THR A 50 -8.46 15.20 -23.24
C THR A 50 -9.13 13.96 -23.84
N SER A 51 -8.75 13.52 -25.04
CA SER A 51 -9.51 12.42 -25.68
C SER A 51 -8.64 11.36 -26.34
N LYS A 52 -7.33 11.46 -26.24
CA LYS A 52 -6.44 10.52 -26.97
C LYS A 52 -6.09 9.32 -26.07
N LEU A 53 -6.28 8.11 -26.59
CA LEU A 53 -5.92 6.95 -25.81
C LEU A 53 -4.44 6.65 -25.99
N ALA A 54 -3.74 6.37 -24.87
CA ALA A 54 -2.37 5.90 -24.94
C ALA A 54 -2.34 4.51 -25.52
N SER A 55 -1.14 4.03 -25.85
CA SER A 55 -1.03 2.72 -26.47
C SER A 55 -1.38 1.62 -25.47
N GLY A 56 -2.03 0.57 -25.95
CA GLY A 56 -2.41 -0.53 -25.10
C GLY A 56 -3.69 -0.33 -24.34
N VAL A 57 -4.42 0.75 -24.58
CA VAL A 57 -5.66 1.05 -23.86
C VAL A 57 -6.85 0.53 -24.65
N PRO A 58 -7.75 -0.25 -24.04
CA PRO A 58 -8.95 -0.74 -24.75
C PRO A 58 -9.82 0.40 -25.25
N ALA A 59 -10.54 0.13 -26.34
CA ALA A 59 -11.44 1.13 -26.92
C ALA A 59 -12.70 1.33 -26.07
N ARG A 60 -12.92 0.50 -25.05
CA ARG A 60 -13.94 0.78 -24.05
C ARG A 60 -13.68 2.06 -23.25
N PHE A 61 -12.47 2.62 -23.28
CA PHE A 61 -12.20 3.84 -22.52
C PHE A 61 -12.39 5.06 -23.43
N SER A 62 -12.86 6.17 -22.87
CA SER A 62 -13.03 7.41 -23.61
C SER A 62 -12.92 8.59 -22.66
N GLY A 63 -12.33 9.69 -23.14
CA GLY A 63 -12.17 10.89 -22.36
C GLY A 63 -12.80 12.10 -23.05
N SER A 64 -13.32 13.02 -22.26
CA SER A 64 -14.01 14.17 -22.85
C SER A 64 -14.03 15.32 -21.85
N GLY A 65 -14.56 16.45 -22.30
CA GLY A 65 -14.72 17.64 -21.48
C GLY A 65 -14.17 18.88 -22.15
N SER A 66 -14.42 20.01 -21.49
CA SER A 66 -13.90 21.30 -21.95
C SER A 66 -14.09 22.29 -20.81
N GLY A 67 -13.38 23.42 -20.92
CA GLY A 67 -13.50 24.45 -19.90
C GLY A 67 -13.07 24.00 -18.52
N THR A 68 -14.02 23.88 -17.59
CA THR A 68 -13.74 23.48 -16.22
C THR A 68 -14.18 22.05 -15.89
N SER A 69 -14.60 21.24 -16.85
CA SER A 69 -15.09 19.93 -16.44
C SER A 69 -14.74 18.87 -17.47
N TYR A 70 -14.14 17.78 -16.98
CA TYR A 70 -13.68 16.69 -17.82
C TYR A 70 -14.03 15.36 -17.15
N SER A 71 -14.11 14.31 -17.97
CA SER A 71 -14.50 13.02 -17.43
C SER A 71 -13.81 11.90 -18.20
N LEU A 72 -13.73 10.75 -17.54
CA LEU A 72 -13.22 9.51 -18.10
C LEU A 72 -14.35 8.49 -18.00
N THR A 73 -14.59 7.75 -19.09
CA THR A 73 -15.75 6.88 -19.19
C THR A 73 -15.29 5.50 -19.62
N ILE A 74 -15.93 4.46 -19.09
CA ILE A 74 -15.65 3.06 -19.42
C ILE A 74 -16.96 2.37 -19.75
N SER A 75 -17.04 1.77 -20.95
CA SER A 75 -18.16 0.89 -21.27
C SER A 75 -17.82 -0.54 -20.91
N SER A 76 -18.86 -1.30 -20.54
CA SER A 76 -18.78 -2.72 -20.25
C SER A 76 -17.52 -3.05 -19.43
N MET A 77 -17.45 -2.50 -18.22
CA MET A 77 -16.27 -2.59 -17.38
C MET A 77 -15.80 -4.05 -17.23
N GLU A 78 -14.48 -4.21 -17.12
CA GLU A 78 -13.88 -5.51 -16.90
C GLU A 78 -13.03 -5.44 -15.64
N ALA A 79 -12.82 -6.61 -15.01
CA ALA A 79 -12.14 -6.67 -13.71
C ALA A 79 -10.77 -6.03 -13.75
N GLU A 80 -10.08 -6.18 -14.89
CA GLU A 80 -8.75 -5.60 -15.08
C GLU A 80 -8.76 -4.07 -15.05
N ASP A 81 -9.92 -3.42 -15.23
CA ASP A 81 -9.97 -1.96 -15.14
C ASP A 81 -9.78 -1.45 -13.71
N ALA A 82 -9.91 -2.30 -12.69
CA ALA A 82 -9.87 -1.81 -11.32
C ALA A 82 -8.50 -1.21 -11.01
N ALA A 83 -8.51 0.01 -10.50
CA ALA A 83 -7.31 0.83 -10.33
C ALA A 83 -7.70 2.18 -9.77
N THR A 84 -6.70 3.03 -9.50
CA THR A 84 -6.93 4.43 -9.22
C THR A 84 -6.53 5.30 -10.42
N TYR A 85 -7.40 6.23 -10.77
CA TYR A 85 -7.20 7.10 -11.93
C TYR A 85 -7.07 8.55 -11.49
N TYR A 86 -5.98 9.22 -11.91
CA TYR A 86 -5.65 10.59 -11.52
C TYR A 86 -5.68 11.51 -12.74
N CYS A 87 -6.27 12.69 -12.59
CA CYS A 87 -6.18 13.69 -13.65
C CYS A 87 -5.09 14.71 -13.35
N HIS A 88 -4.56 15.30 -14.42
CA HIS A 88 -3.51 16.31 -14.35
C HIS A 88 -3.43 17.03 -15.69
N GLN A 89 -2.85 18.24 -15.65
CA GLN A 89 -2.82 19.12 -16.82
C GLN A 89 -1.59 20.04 -16.71
N ARG A 90 -1.15 20.57 -17.85
CA ARG A 90 0.19 21.16 -17.96
C ARG A 90 0.40 22.39 -17.08
N SER A 91 -0.65 23.01 -16.56
CA SER A 91 -0.47 24.22 -15.77
C SER A 91 -0.67 23.99 -14.27
N ILE A 92 -0.74 22.73 -13.83
CA ILE A 92 -1.17 22.36 -12.47
C ILE A 92 0.02 21.81 -11.67
N PHE A 93 0.18 22.29 -10.43
CA PHE A 93 1.22 21.74 -9.56
C PHE A 93 0.83 20.37 -8.98
N THR A 94 -0.35 20.26 -8.38
CA THR A 94 -0.78 19.05 -7.69
C THR A 94 -1.80 18.28 -8.53
N PHE A 95 -1.56 16.98 -8.73
CA PHE A 95 -2.49 16.11 -9.45
C PHE A 95 -3.84 16.05 -8.72
N GLY A 96 -4.90 15.77 -9.48
CA GLY A 96 -6.16 15.45 -8.82
C GLY A 96 -5.99 14.30 -7.84
N SER A 97 -6.85 14.20 -6.82
CA SER A 97 -6.63 13.24 -5.74
C SER A 97 -7.09 11.83 -6.08
N GLY A 98 -7.69 11.61 -7.25
CA GLY A 98 -7.94 10.25 -7.73
C GLY A 98 -9.30 9.65 -7.42
N THR A 99 -9.80 8.87 -8.39
CA THR A 99 -10.98 8.04 -8.23
C THR A 99 -10.49 6.60 -8.17
N LYS A 100 -10.85 5.88 -7.10
CA LYS A 100 -10.47 4.48 -6.97
C LYS A 100 -11.64 3.60 -7.38
N LEU A 101 -11.44 2.81 -8.42
CA LEU A 101 -12.50 1.97 -8.95
C LEU A 101 -12.28 0.55 -8.45
N GLU A 102 -13.28 0.01 -7.76
CA GLU A 102 -13.19 -1.29 -7.13
C GLU A 102 -14.25 -2.21 -7.73
N ILE A 103 -14.08 -3.51 -7.50
CA ILE A 103 -14.91 -4.53 -8.14
C ILE A 103 -16.03 -4.97 -7.18
N LYS A 104 -17.27 -4.91 -7.65
CA LYS A 104 -18.40 -5.44 -6.87
C LYS A 104 -18.55 -6.94 -7.11
N ARG A 105 -18.89 -7.68 -6.04
CA ARG A 105 -19.03 -9.13 -6.08
C ARG A 105 -20.12 -9.55 -5.10
N ALA A 106 -20.35 -10.87 -5.02
CA ALA A 106 -21.35 -11.41 -4.11
C ALA A 106 -20.86 -11.30 -2.67
N ASP A 107 -21.78 -11.04 -1.75
CA ASP A 107 -21.45 -10.92 -0.34
C ASP A 107 -20.80 -12.20 0.17
N ALA A 108 -19.95 -12.08 1.20
CA ALA A 108 -19.38 -13.26 1.81
C ALA A 108 -18.95 -12.97 3.26
N ALA A 109 -19.29 -13.90 4.18
CA ALA A 109 -18.93 -13.76 5.60
C ALA A 109 -17.45 -14.12 5.81
N PRO A 110 -16.79 -13.47 6.78
CA PRO A 110 -15.37 -13.76 7.02
C PRO A 110 -15.14 -15.08 7.74
N THR A 111 -13.99 -15.69 7.46
CA THR A 111 -13.42 -16.74 8.30
C THR A 111 -12.58 -16.06 9.39
N VAL A 112 -12.96 -16.28 10.66
CA VAL A 112 -12.37 -15.60 11.82
C VAL A 112 -11.51 -16.56 12.64
N SER A 113 -10.32 -16.11 13.05
CA SER A 113 -9.55 -16.87 14.05
C SER A 113 -8.75 -15.96 14.97
N ILE A 114 -8.55 -16.44 16.19
CA ILE A 114 -7.95 -15.65 17.27
C ILE A 114 -6.74 -16.39 17.83
N PHE A 115 -5.72 -15.64 18.22
CA PHE A 115 -4.44 -16.22 18.65
C PHE A 115 -4.01 -15.56 19.94
N PRO A 116 -3.80 -16.31 21.01
CA PRO A 116 -3.25 -15.73 22.24
C PRO A 116 -1.82 -15.28 22.02
N PRO A 117 -1.31 -14.39 22.86
CA PRO A 117 0.12 -14.04 22.81
C PRO A 117 0.98 -15.29 22.80
N SER A 118 2.06 -15.23 22.02
CA SER A 118 3.05 -16.30 21.98
C SER A 118 3.86 -16.31 23.26
N SER A 119 4.40 -17.49 23.59
CA SER A 119 5.23 -17.61 24.77
C SER A 119 6.48 -16.72 24.68
N GLU A 120 7.12 -16.65 23.52
CA GLU A 120 8.34 -15.86 23.44
C GLU A 120 8.08 -14.36 23.45
N GLN A 121 6.92 -13.90 22.97
CA GLN A 121 6.61 -12.48 23.14
C GLN A 121 6.36 -12.14 24.60
N LEU A 122 5.77 -13.08 25.33
CA LEU A 122 5.56 -12.88 26.77
C LEU A 122 6.90 -12.71 27.49
N THR A 123 7.90 -13.53 27.14
CA THR A 123 9.18 -13.46 27.83
C THR A 123 9.80 -12.07 27.74
N SER A 124 9.44 -11.29 26.72
CA SER A 124 9.95 -9.94 26.53
C SER A 124 9.07 -8.85 27.13
N GLY A 125 8.08 -9.21 27.96
CA GLY A 125 7.24 -8.23 28.61
C GLY A 125 6.05 -7.74 27.81
N GLY A 126 5.85 -8.23 26.59
CA GLY A 126 4.72 -7.79 25.76
C GLY A 126 3.66 -8.84 25.48
N ALA A 127 2.47 -8.42 25.05
CA ALA A 127 1.35 -9.34 24.84
C ALA A 127 0.42 -8.82 23.74
N SER A 128 0.52 -9.40 22.55
CA SER A 128 -0.39 -9.09 21.45
C SER A 128 -1.36 -10.24 21.25
N VAL A 129 -2.66 -9.93 21.25
CA VAL A 129 -3.70 -10.89 20.89
C VAL A 129 -4.12 -10.59 19.46
N VAL A 130 -4.09 -11.60 18.58
CA VAL A 130 -4.27 -11.36 17.15
C VAL A 130 -5.55 -12.02 16.68
N CYS A 131 -6.32 -11.30 15.89
CA CYS A 131 -7.55 -11.80 15.32
C CYS A 131 -7.56 -11.51 13.81
N PHE A 132 -7.73 -12.56 13.00
CA PHE A 132 -7.82 -12.44 11.54
C PHE A 132 -9.27 -12.57 11.09
N LEU A 133 -9.66 -11.78 10.09
CA LEU A 133 -10.97 -11.85 9.45
C LEU A 133 -10.76 -11.97 7.95
N ASN A 134 -10.84 -13.16 7.40
CA ASN A 134 -10.33 -13.40 6.06
C ASN A 134 -11.44 -13.72 5.05
N ASN A 135 -11.31 -13.11 3.86
CA ASN A 135 -12.11 -13.44 2.66
C ASN A 135 -13.60 -13.09 2.82
N PHE A 136 -13.87 -11.83 3.18
CA PHE A 136 -15.23 -11.31 3.27
C PHE A 136 -15.50 -10.23 2.20
N TYR A 137 -16.79 -9.87 2.07
CA TYR A 137 -17.26 -8.80 1.18
C TYR A 137 -18.65 -8.36 1.65
N PRO A 138 -18.97 -7.05 1.68
CA PRO A 138 -18.16 -5.88 1.27
C PRO A 138 -17.07 -5.54 2.26
N LYS A 139 -16.35 -4.45 2.07
CA LYS A 139 -15.19 -4.11 2.94
C LYS A 139 -15.65 -3.65 4.32
N ASP A 140 -16.79 -2.98 4.38
CA ASP A 140 -17.34 -2.47 5.67
C ASP A 140 -17.55 -3.63 6.64
N ILE A 141 -16.92 -3.58 7.81
CA ILE A 141 -17.09 -4.65 8.78
C ILE A 141 -16.72 -4.10 10.14
N ASN A 142 -17.35 -4.65 11.18
CA ASN A 142 -17.16 -4.17 12.55
C ASN A 142 -16.58 -5.28 13.41
N VAL A 143 -15.57 -4.92 14.22
CA VAL A 143 -14.94 -5.84 15.16
C VAL A 143 -15.04 -5.26 16.57
N LYS A 144 -15.47 -6.09 17.51
CA LYS A 144 -15.63 -5.74 18.91
C LYS A 144 -14.78 -6.70 19.75
N TRP A 145 -14.09 -6.17 20.76
CA TRP A 145 -13.31 -6.96 21.69
C TRP A 145 -13.94 -6.89 23.08
N LYS A 146 -14.14 -8.04 23.71
CA LYS A 146 -14.65 -8.13 25.08
C LYS A 146 -13.62 -8.86 25.93
N ILE A 147 -13.26 -8.26 27.07
CA ILE A 147 -12.36 -8.85 28.05
C ILE A 147 -13.12 -9.09 29.34
N ASP A 148 -13.25 -10.37 29.72
CA ASP A 148 -13.88 -10.78 30.97
C ASP A 148 -15.33 -10.28 31.05
N GLY A 149 -15.99 -10.18 29.90
CA GLY A 149 -17.39 -9.73 29.88
C GLY A 149 -17.55 -8.24 29.68
N SER A 150 -16.46 -7.48 29.71
CA SER A 150 -16.55 -6.03 29.46
C SER A 150 -16.00 -5.69 28.06
N GLU A 151 -16.58 -4.69 27.41
CA GLU A 151 -16.11 -4.28 26.05
C GLU A 151 -14.85 -3.42 26.20
N ARG A 152 -13.88 -3.61 25.31
CA ARG A 152 -12.60 -2.87 25.39
C ARG A 152 -12.30 -2.24 24.04
N GLN A 153 -11.84 -0.99 24.03
CA GLN A 153 -11.59 -0.26 22.76
C GLN A 153 -10.39 0.68 22.90
N ASN A 154 -9.29 0.23 23.50
CA ASN A 154 -8.16 1.14 23.71
C ASN A 154 -6.93 0.78 22.89
N GLY A 155 -6.39 -0.42 23.05
CA GLY A 155 -5.14 -0.77 22.39
C GLY A 155 -5.31 -1.59 21.13
N VAL A 156 -6.30 -1.24 20.32
CA VAL A 156 -6.70 -2.00 19.14
C VAL A 156 -6.26 -1.28 17.87
N LEU A 157 -5.65 -2.02 16.93
CA LEU A 157 -5.29 -1.51 15.62
C LEU A 157 -5.84 -2.44 14.53
N ASN A 158 -6.44 -1.85 13.49
CA ASN A 158 -7.09 -2.61 12.42
C ASN A 158 -6.46 -2.31 11.08
N SER A 159 -6.23 -3.35 10.27
CA SER A 159 -5.56 -3.17 8.98
C SER A 159 -6.20 -4.05 7.91
N TRP A 160 -6.60 -3.44 6.80
CA TRP A 160 -7.20 -4.15 5.66
C TRP A 160 -6.18 -4.37 4.56
N THR A 161 -6.33 -5.47 3.82
CA THR A 161 -5.58 -5.65 2.58
C THR A 161 -6.27 -4.95 1.40
N ASP A 162 -5.50 -4.74 0.34
CA ASP A 162 -6.10 -4.33 -0.92
C ASP A 162 -7.04 -5.43 -1.42
N GLN A 163 -8.06 -5.04 -2.20
CA GLN A 163 -8.98 -6.01 -2.77
C GLN A 163 -8.20 -7.13 -3.46
N ASP A 164 -8.62 -8.37 -3.23
CA ASP A 164 -7.79 -9.50 -3.62
C ASP A 164 -7.81 -9.66 -5.13
N SER A 165 -6.62 -9.98 -5.67
CA SER A 165 -6.47 -10.10 -7.11
C SER A 165 -7.31 -11.23 -7.68
N LYS A 166 -7.43 -12.35 -6.95
CA LYS A 166 -8.08 -13.54 -7.50
C LYS A 166 -9.61 -13.53 -7.33
N ASP A 167 -10.13 -13.18 -6.16
CA ASP A 167 -11.57 -13.36 -5.90
C ASP A 167 -12.30 -12.09 -5.46
N SER A 168 -11.63 -10.95 -5.41
CA SER A 168 -12.21 -9.65 -5.07
C SER A 168 -12.72 -9.58 -3.64
N THR A 169 -12.30 -10.49 -2.76
CA THR A 169 -12.63 -10.34 -1.36
C THR A 169 -11.67 -9.39 -0.69
N TYR A 170 -12.01 -9.02 0.54
CA TYR A 170 -11.13 -8.32 1.46
C TYR A 170 -10.83 -9.20 2.68
N SER A 171 -9.65 -9.02 3.26
CA SER A 171 -9.27 -9.58 4.55
C SER A 171 -8.76 -8.47 5.45
N MET A 172 -8.85 -8.66 6.77
CA MET A 172 -8.36 -7.67 7.72
C MET A 172 -7.80 -8.35 8.97
N SER A 173 -6.78 -7.74 9.56
CA SER A 173 -6.29 -8.10 10.88
C SER A 173 -6.74 -7.05 11.90
N SER A 174 -7.00 -7.51 13.13
CA SER A 174 -7.35 -6.65 14.25
C SER A 174 -6.53 -7.09 15.45
N THR A 175 -5.62 -6.22 15.92
CA THR A 175 -4.63 -6.59 16.92
C THR A 175 -4.84 -5.78 18.20
N LEU A 176 -4.85 -6.47 19.34
CA LEU A 176 -4.98 -5.86 20.67
C LEU A 176 -3.66 -6.03 21.42
N THR A 177 -2.95 -4.92 21.64
CA THR A 177 -1.65 -4.97 22.29
C THR A 177 -1.75 -4.49 23.73
N LEU A 178 -1.16 -5.24 24.65
CA LEU A 178 -1.11 -4.94 26.08
C LEU A 178 0.31 -5.20 26.58
N THR A 179 0.54 -4.91 27.85
CA THR A 179 1.76 -5.41 28.47
C THR A 179 1.49 -6.78 29.09
N LYS A 180 2.51 -7.40 29.63
CA LYS A 180 2.32 -8.77 30.16
C LYS A 180 1.43 -8.69 31.41
N ASP A 181 1.61 -7.67 32.24
CA ASP A 181 0.88 -7.60 33.53
C ASP A 181 -0.63 -7.49 33.28
N GLU A 182 -1.04 -6.56 32.42
CA GLU A 182 -2.49 -6.38 32.11
C GLU A 182 -3.06 -7.67 31.49
N TYR A 183 -2.29 -8.35 30.64
CA TYR A 183 -2.77 -9.65 30.10
C TYR A 183 -2.92 -10.65 31.25
N GLU A 184 -1.92 -10.74 32.11
CA GLU A 184 -2.00 -11.69 33.22
C GLU A 184 -3.16 -11.38 34.15
N ARG A 185 -3.75 -10.19 34.07
CA ARG A 185 -4.77 -9.73 35.01
C ARG A 185 -6.19 -10.03 34.53
N HIS A 186 -6.35 -10.67 33.38
CA HIS A 186 -7.69 -10.99 32.87
C HIS A 186 -7.64 -12.36 32.20
N ASN A 187 -8.81 -12.96 32.02
CA ASN A 187 -8.90 -14.38 31.66
C ASN A 187 -9.59 -14.67 30.33
N SER A 188 -10.78 -14.12 30.10
CA SER A 188 -11.53 -14.37 28.87
C SER A 188 -11.29 -13.27 27.83
N TYR A 189 -10.79 -13.65 26.65
CA TYR A 189 -10.55 -12.75 25.53
C TYR A 189 -11.40 -13.17 24.34
N THR A 190 -12.23 -12.24 23.82
CA THR A 190 -13.17 -12.51 22.73
C THR A 190 -12.99 -11.54 21.56
N CYS A 191 -13.01 -12.09 20.35
CA CYS A 191 -13.01 -11.33 19.11
C CYS A 191 -14.34 -11.56 18.40
N GLU A 192 -15.07 -10.48 18.10
CA GLU A 192 -16.44 -10.53 17.60
C GLU A 192 -16.56 -9.73 16.30
N ALA A 193 -17.07 -10.36 15.24
CA ALA A 193 -17.21 -9.73 13.93
C ALA A 193 -18.69 -9.55 13.60
N THR A 194 -19.11 -8.28 13.46
CA THR A 194 -20.46 -7.96 13.00
C THR A 194 -20.38 -7.42 11.58
N HIS A 195 -20.85 -8.22 10.64
CA HIS A 195 -20.90 -7.89 9.23
C HIS A 195 -22.37 -7.71 8.85
N LYS A 196 -22.62 -7.43 7.57
CA LYS A 196 -23.98 -7.40 7.08
C LYS A 196 -24.38 -8.68 6.36
N THR A 197 -23.50 -9.68 6.37
CA THR A 197 -23.93 -11.05 6.10
C THR A 197 -24.65 -11.65 7.31
N SER A 198 -24.65 -10.93 8.43
CA SER A 198 -25.05 -11.50 9.71
C SER A 198 -25.64 -10.42 10.60
N THR A 199 -26.93 -10.54 10.90
CA THR A 199 -27.46 -9.80 12.04
C THR A 199 -26.79 -10.25 13.33
N SER A 200 -26.43 -11.55 13.39
CA SER A 200 -25.79 -12.16 14.56
C SER A 200 -24.28 -12.28 14.35
N PRO A 201 -23.46 -11.89 15.31
CA PRO A 201 -22.01 -11.80 15.07
C PRO A 201 -21.35 -13.17 15.01
N ILE A 202 -20.12 -13.17 14.50
CA ILE A 202 -19.24 -14.34 14.51
C ILE A 202 -18.26 -14.18 15.66
N VAL A 203 -18.15 -15.20 16.50
CA VAL A 203 -17.49 -15.11 17.81
C VAL A 203 -16.38 -16.15 17.91
N LYS A 204 -15.21 -15.71 18.40
CA LYS A 204 -14.06 -16.57 18.68
C LYS A 204 -13.38 -16.08 19.95
N SER A 205 -13.03 -17.02 20.86
CA SER A 205 -12.56 -16.66 22.20
C SER A 205 -11.55 -17.69 22.70
N PHE A 206 -10.90 -17.35 23.83
CA PHE A 206 -10.06 -18.28 24.58
C PHE A 206 -9.93 -17.83 26.04
N ASN A 207 -9.55 -18.76 26.90
CA ASN A 207 -9.18 -18.46 28.27
C ASN A 207 -7.66 -18.52 28.42
N ARG A 208 -7.10 -17.52 29.10
CA ARG A 208 -5.65 -17.49 29.34
C ARG A 208 -5.21 -18.66 30.23
N ASN A 209 -5.98 -18.95 31.29
CA ASN A 209 -5.57 -19.97 32.25
C ASN A 209 -5.67 -21.38 31.69
N GLU A 210 -6.21 -21.57 30.49
CA GLU A 210 -6.00 -22.82 29.78
C GLU A 210 -4.68 -22.72 29.03
N CYS A 211 -3.88 -23.79 29.11
CA CYS A 211 -2.60 -23.82 28.44
C CYS A 211 -1.80 -22.49 28.53
N GLU B 1 12.20 -1.66 -24.67
CA GLU B 1 13.29 -0.79 -25.12
C GLU B 1 13.52 0.39 -24.20
N VAL B 2 12.56 1.33 -24.21
CA VAL B 2 12.67 2.52 -23.37
C VAL B 2 12.68 2.10 -21.91
N GLN B 3 13.66 2.60 -21.16
CA GLN B 3 13.86 2.23 -19.76
C GLN B 3 14.21 3.49 -18.98
N LEU B 4 13.64 3.60 -17.78
CA LEU B 4 13.89 4.68 -16.86
C LEU B 4 14.14 4.05 -15.51
N VAL B 5 15.38 4.08 -15.04
CA VAL B 5 15.76 3.40 -13.81
C VAL B 5 16.34 4.39 -12.83
N GLU B 6 15.79 4.41 -11.62
CA GLU B 6 16.13 5.44 -10.64
C GLU B 6 16.89 4.85 -9.47
N SER B 7 17.58 5.74 -8.75
CA SER B 7 18.51 5.31 -7.74
C SER B 7 18.84 6.49 -6.84
N GLY B 8 19.36 6.17 -5.65
CA GLY B 8 19.82 7.18 -4.72
C GLY B 8 18.91 7.40 -3.55
N GLY B 9 17.79 6.71 -3.50
CA GLY B 9 16.88 6.88 -2.39
C GLY B 9 17.33 6.16 -1.13
N GLY B 10 16.78 6.61 -0.01
CA GLY B 10 17.17 6.06 1.27
C GLY B 10 16.65 6.91 2.40
N LEU B 11 17.18 6.64 3.59
CA LEU B 11 16.73 7.27 4.82
C LEU B 11 17.69 8.38 5.22
N VAL B 12 17.14 9.54 5.57
CA VAL B 12 17.93 10.72 5.91
C VAL B 12 17.26 11.45 7.06
N LYS B 13 18.09 12.10 7.89
CA LYS B 13 17.67 12.91 9.01
C LYS B 13 17.12 14.26 8.52
N PRO B 14 16.20 14.86 9.27
CA PRO B 14 15.74 16.21 8.91
C PRO B 14 16.91 17.18 8.83
N GLY B 15 16.82 18.11 7.88
CA GLY B 15 17.89 19.04 7.56
C GLY B 15 18.92 18.50 6.60
N GLY B 16 18.96 17.19 6.39
CA GLY B 16 20.00 16.58 5.59
C GLY B 16 19.77 16.75 4.10
N SER B 17 20.55 16.00 3.32
CA SER B 17 20.54 16.10 1.87
C SER B 17 20.71 14.72 1.26
N LEU B 18 20.39 14.63 -0.03
CA LEU B 18 20.46 13.39 -0.79
C LEU B 18 20.34 13.73 -2.27
N LYS B 19 21.08 13.03 -3.12
CA LYS B 19 21.01 13.22 -4.56
C LYS B 19 20.45 11.98 -5.23
N LEU B 20 19.33 12.15 -5.95
CA LEU B 20 18.71 11.06 -6.69
C LEU B 20 19.19 11.05 -8.13
N SER B 21 19.28 9.86 -8.71
CA SER B 21 19.66 9.74 -10.12
C SER B 21 18.61 8.95 -10.86
N CYS B 22 18.60 9.09 -12.19
CA CYS B 22 17.66 8.36 -13.07
C CYS B 22 18.38 8.05 -14.37
N ALA B 23 18.85 6.81 -14.54
CA ALA B 23 19.53 6.42 -15.76
C ALA B 23 18.53 6.08 -16.84
N ALA B 24 18.90 6.38 -18.08
CA ALA B 24 18.00 6.24 -19.21
C ALA B 24 18.59 5.30 -20.24
N SER B 25 17.71 4.56 -20.92
CA SER B 25 18.13 3.74 -22.05
C SER B 25 17.00 3.70 -23.07
N GLY B 26 17.38 3.47 -24.33
CA GLY B 26 16.40 3.16 -25.37
C GLY B 26 15.92 4.31 -26.22
N PHE B 27 16.39 5.53 -25.96
CA PHE B 27 15.96 6.66 -26.78
C PHE B 27 17.02 7.76 -26.77
N ALA B 28 16.78 8.81 -27.56
CA ALA B 28 17.72 9.92 -27.70
C ALA B 28 17.45 10.92 -26.58
N PHE B 29 18.11 10.67 -25.44
CA PHE B 29 17.82 11.39 -24.21
C PHE B 29 17.85 12.90 -24.38
N GLY B 30 18.69 13.41 -25.27
CA GLY B 30 18.85 14.84 -25.45
C GLY B 30 17.71 15.56 -26.13
N ASN B 31 16.76 14.83 -26.72
CA ASN B 31 15.65 15.43 -27.45
C ASN B 31 14.41 15.70 -26.60
N TYR B 32 14.40 15.30 -25.31
CA TYR B 32 13.17 15.22 -24.54
C TYR B 32 13.26 16.02 -23.24
N ASP B 33 12.17 16.70 -22.89
CA ASP B 33 12.03 17.31 -21.57
C ASP B 33 11.78 16.22 -20.53
N MET B 34 12.27 16.42 -19.30
CA MET B 34 12.21 15.42 -18.23
C MET B 34 11.70 16.08 -16.95
N SER B 35 11.09 15.28 -16.07
CA SER B 35 10.52 15.81 -14.82
C SER B 35 10.71 14.83 -13.66
N TRP B 36 10.62 15.35 -12.44
CA TRP B 36 10.47 14.51 -11.24
C TRP B 36 9.08 14.75 -10.65
N VAL B 37 8.34 13.67 -10.40
CA VAL B 37 7.02 13.71 -9.74
C VAL B 37 7.09 12.84 -8.49
N ARG B 38 6.51 13.29 -7.39
CA ARG B 38 6.59 12.56 -6.12
C ARG B 38 5.21 12.20 -5.61
N GLN B 39 5.12 11.04 -4.97
CA GLN B 39 3.88 10.53 -4.36
C GLN B 39 4.10 10.41 -2.85
N THR B 40 3.35 11.21 -2.08
CA THR B 40 3.45 11.20 -0.63
C THR B 40 2.90 9.89 -0.08
N PRO B 41 3.11 9.59 1.21
CA PRO B 41 2.49 8.41 1.81
C PRO B 41 0.97 8.47 1.62
N GLU B 42 0.40 9.66 1.49
CA GLU B 42 -1.07 9.83 1.31
C GLU B 42 -1.44 9.62 -0.16
N LYS B 43 -0.53 9.10 -0.97
CA LYS B 43 -0.80 8.81 -2.41
C LYS B 43 -1.04 10.10 -3.19
N ARG B 44 -0.59 11.24 -2.64
CA ARG B 44 -0.73 12.56 -3.31
C ARG B 44 0.41 12.75 -4.30
N LEU B 45 0.07 13.20 -5.51
CA LEU B 45 1.07 13.35 -6.56
C LEU B 45 1.35 14.84 -6.82
N GLU B 46 2.63 15.20 -6.83
CA GLU B 46 3.08 16.59 -6.95
C GLU B 46 4.20 16.67 -8.00
N TRP B 47 4.10 17.69 -8.87
CA TRP B 47 5.14 18.00 -9.88
C TRP B 47 6.29 18.72 -9.20
N VAL B 48 7.38 18.00 -8.90
CA VAL B 48 8.47 18.57 -8.12
C VAL B 48 9.38 19.44 -9.00
N ALA B 49 9.74 18.98 -10.19
CA ALA B 49 10.67 19.76 -11.01
C ALA B 49 10.58 19.35 -12.48
N PHE B 50 11.03 20.24 -13.36
CA PHE B 50 10.98 20.07 -14.81
C PHE B 50 12.27 20.61 -15.39
N ILE B 51 12.72 20.03 -16.50
CA ILE B 51 13.90 20.55 -17.19
C ILE B 51 13.76 20.26 -18.69
N GLY B 52 14.16 21.24 -19.51
CA GLY B 52 14.06 21.08 -20.95
C GLY B 52 15.18 20.24 -21.50
N SER B 53 15.03 19.87 -22.77
CA SER B 53 16.05 19.06 -23.48
C SER B 53 17.46 19.59 -23.23
N GLY B 54 17.68 20.88 -23.46
CA GLY B 54 19.02 21.48 -23.32
C GLY B 54 19.44 21.74 -21.89
N GLY B 55 18.50 21.94 -20.98
CA GLY B 55 18.89 22.28 -19.62
C GLY B 55 18.89 23.77 -19.40
N GLY B 56 18.31 24.47 -20.36
CA GLY B 56 18.26 25.94 -20.28
C GLY B 56 16.97 26.39 -19.64
N ARG B 57 15.92 25.57 -19.67
CA ARG B 57 14.73 26.05 -18.99
C ARG B 57 14.33 25.07 -17.89
N ILE B 58 13.89 25.62 -16.75
CA ILE B 58 13.67 24.85 -15.52
C ILE B 58 12.46 25.41 -14.80
N TYR B 59 11.69 24.52 -14.15
CA TYR B 59 10.57 24.84 -13.28
C TYR B 59 10.66 24.02 -12.00
N TYR B 60 10.20 24.62 -10.88
CA TYR B 60 10.06 23.91 -9.62
C TYR B 60 8.65 24.06 -9.07
N GLY B 61 8.20 23.02 -8.34
CA GLY B 61 6.91 23.04 -7.69
C GLY B 61 6.84 23.97 -6.48
N ASP B 62 5.60 24.21 -6.05
CA ASP B 62 5.30 25.35 -5.19
C ASP B 62 5.92 25.21 -3.80
N THR B 63 5.79 24.05 -3.18
CA THR B 63 6.34 23.90 -1.84
C THR B 63 7.85 23.63 -1.86
N MET B 64 8.45 23.60 -3.03
CA MET B 64 9.90 23.28 -3.14
C MET B 64 10.71 24.36 -2.41
N LYS B 65 10.40 25.63 -2.64
CA LYS B 65 11.02 26.76 -1.90
C LYS B 65 12.55 26.73 -1.94
N GLY B 66 13.15 26.61 -3.12
CA GLY B 66 14.59 26.76 -3.25
C GLY B 66 15.44 25.56 -2.85
N ARG B 67 14.87 24.54 -2.22
CA ARG B 67 15.64 23.43 -1.66
C ARG B 67 15.86 22.27 -2.63
N PHE B 68 15.33 22.34 -3.85
CA PHE B 68 15.53 21.29 -4.84
C PHE B 68 16.31 21.85 -6.02
N THR B 69 17.09 20.99 -6.69
CA THR B 69 17.88 21.40 -7.85
C THR B 69 17.91 20.26 -8.86
N ILE B 70 17.35 20.50 -10.06
CA ILE B 70 17.25 19.48 -11.10
C ILE B 70 18.32 19.77 -12.15
N SER B 71 18.98 18.72 -12.65
CA SER B 71 20.03 18.87 -13.64
C SER B 71 20.07 17.63 -14.52
N ARG B 72 20.87 17.68 -15.58
CA ARG B 72 20.97 16.54 -16.48
C ARG B 72 22.32 16.54 -17.17
N ASP B 73 22.70 15.36 -17.65
CA ASP B 73 23.94 15.16 -18.39
C ASP B 73 23.57 14.34 -19.63
N ASN B 74 23.26 15.04 -20.73
CA ASN B 74 22.86 14.42 -21.98
C ASN B 74 23.98 13.60 -22.62
N ALA B 75 25.20 13.66 -22.09
CA ALA B 75 26.26 12.77 -22.58
C ALA B 75 26.29 11.44 -21.85
N LYS B 76 25.67 11.35 -20.68
CA LYS B 76 25.64 10.08 -19.90
C LYS B 76 24.19 9.61 -19.69
N ASN B 77 23.24 10.18 -20.43
CA ASN B 77 21.83 9.82 -20.36
C ASN B 77 21.36 9.65 -18.92
N THR B 78 21.66 10.64 -18.07
CA THR B 78 21.28 10.57 -16.67
C THR B 78 20.63 11.88 -16.24
N LEU B 79 19.53 11.77 -15.49
CA LEU B 79 18.82 12.86 -14.86
C LEU B 79 19.10 12.84 -13.35
N TYR B 80 19.22 14.03 -12.74
CA TYR B 80 19.56 14.16 -11.33
C TYR B 80 18.57 15.06 -10.60
N LEU B 81 18.43 14.82 -9.30
CA LEU B 81 17.67 15.69 -8.42
C LEU B 81 18.37 15.76 -7.06
N GLN B 82 18.93 16.94 -6.77
CA GLN B 82 19.63 17.21 -5.53
C GLN B 82 18.66 17.87 -4.55
N MET B 83 18.50 17.28 -3.37
CA MET B 83 17.58 17.80 -2.36
C MET B 83 18.36 18.30 -1.15
N SER B 84 17.97 19.50 -0.65
CA SER B 84 18.64 20.17 0.45
C SER B 84 17.66 20.43 1.59
N SER B 85 18.20 20.50 2.81
CA SER B 85 17.46 21.01 3.97
C SER B 85 16.13 20.27 4.15
N LEU B 86 16.18 18.95 4.06
CA LEU B 86 14.96 18.16 3.92
C LEU B 86 14.03 18.29 5.13
N LYS B 87 12.74 18.15 4.87
CA LYS B 87 11.70 18.17 5.88
C LYS B 87 10.97 16.84 5.88
N SER B 88 10.22 16.59 6.95
CA SER B 88 9.45 15.35 7.02
C SER B 88 8.44 15.24 5.88
N GLU B 89 7.86 16.36 5.47
CA GLU B 89 6.86 16.33 4.40
C GLU B 89 7.49 16.11 3.03
N ASP B 90 8.83 16.08 2.95
CA ASP B 90 9.52 15.65 1.75
C ASP B 90 9.60 14.13 1.63
N THR B 91 9.11 13.40 2.63
CA THR B 91 8.99 11.94 2.52
C THR B 91 8.02 11.57 1.42
N ALA B 92 8.47 10.76 0.47
CA ALA B 92 7.68 10.39 -0.70
C ALA B 92 8.44 9.34 -1.50
N MET B 93 7.71 8.68 -2.41
CA MET B 93 8.28 7.98 -3.55
C MET B 93 8.56 9.00 -4.67
N TYR B 94 9.76 8.97 -5.27
CA TYR B 94 10.14 9.95 -6.28
C TYR B 94 10.31 9.26 -7.64
N TYR B 95 9.58 9.75 -8.65
CA TYR B 95 9.57 9.16 -9.98
C TYR B 95 10.22 10.10 -11.00
N CYS B 96 10.99 9.48 -11.90
CA CYS B 96 11.64 10.17 -13.03
C CYS B 96 10.71 9.96 -14.24
N THR B 97 10.31 11.01 -14.95
CA THR B 97 9.36 10.85 -16.06
C THR B 97 9.81 11.58 -17.31
N ARG B 98 9.24 11.16 -18.45
CA ARG B 98 9.56 11.74 -19.75
C ARG B 98 8.33 12.35 -20.40
N HIS B 99 8.53 13.49 -21.08
CA HIS B 99 7.46 14.26 -21.73
C HIS B 99 7.39 13.97 -23.23
N TYR B 100 6.17 13.99 -23.77
CA TYR B 100 5.80 13.54 -25.12
C TYR B 100 5.75 14.66 -26.16
N ASN B 101 5.01 15.74 -25.88
CA ASN B 101 4.90 16.89 -26.77
C ASN B 101 4.61 18.13 -25.92
N TYR B 102 4.21 19.23 -26.55
CA TYR B 102 4.12 20.50 -25.85
C TYR B 102 2.78 20.73 -25.18
N TYR B 103 2.02 19.67 -24.91
CA TYR B 103 0.98 19.72 -23.90
C TYR B 103 1.39 19.00 -22.62
N TYR B 104 2.56 18.37 -22.63
CA TYR B 104 3.31 17.94 -21.43
C TYR B 104 2.69 16.75 -20.69
N SER B 105 1.97 15.86 -21.36
CA SER B 105 1.72 14.58 -20.74
C SER B 105 3.03 13.83 -20.56
N MET B 106 2.99 12.81 -19.70
CA MET B 106 4.18 12.06 -19.31
C MET B 106 4.04 10.60 -19.74
N ASP B 107 4.73 10.23 -20.83
CA ASP B 107 4.42 8.98 -21.52
C ASP B 107 5.23 7.79 -21.02
N TYR B 108 6.34 8.03 -20.30
CA TYR B 108 7.09 6.97 -19.64
C TYR B 108 7.44 7.40 -18.22
N TRP B 109 7.41 6.44 -17.29
CA TRP B 109 7.74 6.68 -15.89
C TRP B 109 8.74 5.64 -15.42
N GLY B 110 9.60 6.05 -14.49
CA GLY B 110 10.52 5.12 -13.85
C GLY B 110 9.85 4.26 -12.78
N GLN B 111 10.64 3.34 -12.21
CA GLN B 111 10.12 2.43 -11.18
C GLN B 111 9.96 3.11 -9.82
N GLY B 112 10.58 4.25 -9.61
CA GLY B 112 10.46 4.98 -8.35
C GLY B 112 11.62 4.69 -7.40
N THR B 113 11.93 5.66 -6.56
CA THR B 113 12.93 5.48 -5.52
C THR B 113 12.44 6.20 -4.27
N SER B 114 12.53 5.52 -3.13
CA SER B 114 11.82 5.91 -1.93
C SER B 114 12.70 6.78 -1.02
N VAL B 115 12.17 7.93 -0.62
CA VAL B 115 12.88 8.85 0.27
C VAL B 115 12.07 8.99 1.55
N ILE B 116 12.72 8.71 2.68
CA ILE B 116 12.09 8.77 4.00
C ILE B 116 12.94 9.71 4.86
N VAL B 117 12.30 10.72 5.45
CA VAL B 117 13.02 11.73 6.25
C VAL B 117 12.48 11.70 7.66
N SER B 118 13.23 11.11 8.60
CA SER B 118 12.82 11.12 10.00
C SER B 118 14.04 10.93 10.90
N SER B 119 13.84 11.16 12.20
CA SER B 119 14.89 10.94 13.19
C SER B 119 14.99 9.49 13.63
N ALA B 120 14.06 8.64 13.20
CA ALA B 120 14.07 7.24 13.61
C ALA B 120 15.32 6.53 13.08
N LYS B 121 15.70 5.45 13.75
CA LYS B 121 16.88 4.70 13.34
C LYS B 121 16.52 3.26 12.99
N THR B 122 17.31 2.69 12.07
CA THR B 122 17.05 1.36 11.55
C THR B 122 17.03 0.34 12.68
N THR B 123 16.01 -0.53 12.66
CA THR B 123 15.81 -1.52 13.71
C THR B 123 15.34 -2.83 13.08
N PRO B 124 16.01 -3.95 13.38
CA PRO B 124 15.52 -5.25 12.89
C PRO B 124 14.22 -5.64 13.56
N PRO B 125 13.42 -6.49 12.93
CA PRO B 125 12.15 -6.91 13.53
C PRO B 125 12.31 -8.04 14.53
N SER B 126 11.26 -8.20 15.34
CA SER B 126 11.03 -9.40 16.12
C SER B 126 9.97 -10.25 15.42
N VAL B 127 10.15 -11.57 15.43
CA VAL B 127 9.28 -12.49 14.70
C VAL B 127 8.77 -13.55 15.67
N TYR B 128 7.44 -13.59 15.86
CA TYR B 128 6.81 -14.50 16.84
C TYR B 128 5.86 -15.48 16.17
N PRO B 129 5.93 -16.77 16.51
CA PRO B 129 5.01 -17.74 15.92
C PRO B 129 3.62 -17.62 16.52
N LEU B 130 2.61 -17.70 15.67
CA LEU B 130 1.22 -17.61 16.08
C LEU B 130 0.58 -18.98 15.92
N ALA B 131 0.65 -19.78 16.98
CA ALA B 131 -0.06 -21.04 16.96
C ALA B 131 -1.37 -20.93 17.74
N PRO B 132 -2.39 -21.76 17.43
CA PRO B 132 -3.70 -21.64 18.09
C PRO B 132 -3.69 -21.74 19.63
N GLY B 133 -3.04 -22.76 20.17
CA GLY B 133 -3.01 -22.93 21.63
C GLY B 133 -4.38 -23.10 22.26
N SER B 134 -4.66 -22.34 23.32
CA SER B 134 -5.95 -22.42 24.06
C SER B 134 -7.15 -22.11 23.15
N ALA B 135 -6.91 -21.65 21.92
CA ALA B 135 -7.99 -21.35 20.96
C ALA B 135 -7.95 -22.36 19.82
N ALA B 136 -7.67 -23.62 20.12
CA ALA B 136 -7.60 -24.68 19.10
C ALA B 136 -8.81 -24.68 18.17
N GLN B 137 -8.59 -24.98 16.91
CA GLN B 137 -9.69 -25.07 15.91
C GLN B 137 -10.03 -26.55 15.73
N THR B 138 -11.10 -26.91 15.01
CA THR B 138 -11.48 -28.34 14.93
C THR B 138 -12.16 -28.71 13.59
N ASN B 139 -11.91 -27.95 12.51
CA ASN B 139 -12.58 -28.22 11.21
C ASN B 139 -11.60 -28.81 10.17
N SER B 140 -11.97 -28.77 8.88
CA SER B 140 -11.15 -29.34 7.78
C SER B 140 -9.91 -28.48 7.52
N MET B 141 -9.95 -27.23 7.94
CA MET B 141 -8.85 -26.29 7.68
C MET B 141 -8.32 -25.72 8.98
N VAL B 142 -7.09 -25.28 8.94
CA VAL B 142 -6.48 -24.60 10.09
C VAL B 142 -5.71 -23.38 9.62
N THR B 143 -5.79 -22.30 10.40
CA THR B 143 -5.14 -21.05 10.07
C THR B 143 -4.06 -20.76 11.11
N LEU B 144 -2.86 -20.43 10.63
CA LEU B 144 -1.70 -20.10 11.45
C LEU B 144 -1.20 -18.72 11.08
N GLY B 145 -0.25 -18.18 11.87
CA GLY B 145 0.27 -16.86 11.59
C GLY B 145 1.69 -16.62 12.07
N CYS B 146 2.23 -15.46 11.66
CA CYS B 146 3.48 -14.90 12.17
C CYS B 146 3.29 -13.42 12.44
N LEU B 147 3.81 -12.96 13.57
CA LEU B 147 3.71 -11.57 13.98
C LEU B 147 5.08 -10.90 13.85
N VAL B 148 5.14 -9.79 13.14
CA VAL B 148 6.38 -9.09 12.85
C VAL B 148 6.27 -7.70 13.48
N LYS B 149 7.16 -7.42 14.44
CA LYS B 149 6.97 -6.26 15.30
C LYS B 149 8.31 -5.56 15.52
N GLY B 150 8.25 -4.24 15.63
CA GLY B 150 9.40 -3.47 16.06
C GLY B 150 10.49 -3.23 15.05
N TYR B 151 10.15 -3.07 13.78
CA TYR B 151 11.18 -2.83 12.76
C TYR B 151 11.04 -1.45 12.13
N PHE B 152 12.17 -0.93 11.64
CA PHE B 152 12.22 0.34 10.91
C PHE B 152 13.42 0.30 9.97
N PRO B 153 13.29 0.82 8.74
CA PRO B 153 12.04 1.27 8.12
C PRO B 153 11.36 0.16 7.32
N GLU B 154 10.26 0.52 6.65
CA GLU B 154 9.66 -0.38 5.69
C GLU B 154 10.60 -0.55 4.50
N PRO B 155 10.48 -1.65 3.76
CA PRO B 155 9.52 -2.73 3.99
C PRO B 155 10.12 -4.03 4.54
N VAL B 156 9.25 -5.00 4.83
CA VAL B 156 9.64 -6.38 5.06
C VAL B 156 8.94 -7.24 4.01
N THR B 157 9.50 -8.41 3.76
CA THR B 157 8.88 -9.39 2.87
C THR B 157 8.68 -10.69 3.64
N VAL B 158 7.46 -11.23 3.55
CA VAL B 158 7.05 -12.43 4.27
C VAL B 158 6.76 -13.52 3.27
N THR B 159 7.34 -14.71 3.47
CA THR B 159 7.01 -15.89 2.69
C THR B 159 6.72 -17.05 3.63
N TRP B 160 6.22 -18.15 3.05
CA TRP B 160 5.78 -19.33 3.80
C TRP B 160 6.31 -20.60 3.14
N ASN B 161 7.04 -21.42 3.89
CA ASN B 161 7.75 -22.57 3.34
C ASN B 161 8.56 -22.15 2.12
N SER B 162 9.26 -21.01 2.25
CA SER B 162 10.17 -20.51 1.23
C SER B 162 9.46 -20.21 -0.08
N GLY B 163 8.18 -19.88 -0.01
CA GLY B 163 7.40 -19.58 -1.20
C GLY B 163 6.55 -20.73 -1.71
N SER B 164 6.73 -21.96 -1.18
CA SER B 164 5.92 -23.09 -1.62
C SER B 164 4.45 -22.91 -1.26
N LEU B 165 4.18 -22.49 -0.02
CA LEU B 165 2.83 -22.12 0.39
C LEU B 165 2.56 -20.71 -0.12
N SER B 166 1.78 -20.59 -1.20
CA SER B 166 1.45 -19.28 -1.75
C SER B 166 -0.05 -19.00 -1.73
N SER B 167 -0.87 -19.98 -2.06
CA SER B 167 -2.31 -19.80 -1.93
C SER B 167 -2.69 -19.79 -0.45
N GLY B 168 -3.76 -19.05 -0.14
CA GLY B 168 -4.24 -18.99 1.23
C GLY B 168 -3.39 -18.14 2.16
N VAL B 169 -2.62 -17.19 1.63
CA VAL B 169 -1.76 -16.31 2.40
C VAL B 169 -2.35 -14.91 2.37
N HIS B 170 -2.49 -14.30 3.54
CA HIS B 170 -2.83 -12.88 3.63
C HIS B 170 -1.76 -12.24 4.49
N THR B 171 -1.00 -11.31 3.90
CA THR B 171 -0.01 -10.51 4.62
C THR B 171 -0.53 -9.08 4.65
N PHE B 172 -0.73 -8.54 5.87
CA PHE B 172 -1.44 -7.28 6.00
C PHE B 172 -0.48 -6.08 5.98
N PRO B 173 -0.95 -4.92 5.54
CA PRO B 173 -0.08 -3.74 5.54
C PRO B 173 0.37 -3.42 6.95
N ALA B 174 1.64 -3.02 7.06
CA ALA B 174 2.22 -2.64 8.34
C ALA B 174 1.55 -1.38 8.88
N VAL B 175 1.61 -1.22 10.20
CA VAL B 175 1.10 -0.02 10.87
C VAL B 175 2.14 0.52 11.83
N LEU B 176 2.24 1.85 11.89
CA LEU B 176 3.28 2.55 12.63
C LEU B 176 2.84 2.73 14.09
N GLN B 177 3.47 1.99 15.00
CA GLN B 177 3.33 2.16 16.44
C GLN B 177 4.64 2.76 16.97
N SER B 178 4.62 4.06 17.28
CA SER B 178 5.73 4.72 17.98
C SER B 178 7.02 4.62 17.18
N ASP B 179 6.97 5.04 15.92
CA ASP B 179 8.09 5.04 14.98
C ASP B 179 8.58 3.63 14.65
N LEU B 180 7.85 2.59 15.05
CA LEU B 180 8.19 1.20 14.73
C LEU B 180 6.98 0.52 14.07
N TYR B 181 7.25 -0.22 13.01
CA TYR B 181 6.19 -0.83 12.22
C TYR B 181 5.86 -2.22 12.75
N THR B 182 4.57 -2.58 12.66
CA THR B 182 4.12 -3.91 13.05
C THR B 182 3.22 -4.49 11.97
N LEU B 183 3.43 -5.78 11.69
CA LEU B 183 2.69 -6.47 10.61
C LEU B 183 2.39 -7.90 11.00
N SER B 184 1.34 -8.48 10.44
CA SER B 184 1.01 -9.88 10.63
C SER B 184 0.71 -10.53 9.29
N SER B 185 0.94 -11.84 9.24
CA SER B 185 0.69 -12.66 8.05
C SER B 185 -0.02 -13.93 8.49
N SER B 186 -1.05 -14.33 7.76
CA SER B 186 -1.73 -15.59 8.03
C SER B 186 -1.62 -16.54 6.84
N VAL B 187 -1.68 -17.83 7.13
CA VAL B 187 -1.73 -18.87 6.10
C VAL B 187 -2.73 -19.94 6.56
N THR B 188 -3.48 -20.50 5.60
CA THR B 188 -4.47 -21.56 5.84
C THR B 188 -4.04 -22.84 5.12
N VAL B 189 -4.03 -23.96 5.84
CA VAL B 189 -3.64 -25.26 5.26
C VAL B 189 -4.66 -26.31 5.68
N PRO B 190 -4.67 -27.46 5.01
CA PRO B 190 -5.57 -28.54 5.47
C PRO B 190 -5.25 -28.96 6.89
N SER B 191 -6.31 -29.17 7.66
CA SER B 191 -6.22 -29.58 9.05
C SER B 191 -5.40 -30.86 9.24
N SER B 192 -5.41 -31.74 8.23
CA SER B 192 -4.72 -33.03 8.30
C SER B 192 -3.21 -32.92 8.14
N THR B 193 -2.69 -31.76 7.73
CA THR B 193 -1.29 -31.66 7.34
C THR B 193 -0.43 -30.97 8.39
N TRP B 194 -1.00 -30.59 9.53
CA TRP B 194 -0.26 -29.88 10.56
C TRP B 194 -0.60 -30.45 11.92
N PRO B 195 0.41 -30.77 12.76
CA PRO B 195 1.84 -30.51 12.53
C PRO B 195 2.53 -31.61 11.75
N SER B 196 1.73 -32.48 11.10
CA SER B 196 2.25 -33.64 10.38
C SER B 196 3.33 -33.24 9.39
N GLU B 197 3.23 -32.04 8.82
CA GLU B 197 4.17 -31.50 7.85
C GLU B 197 4.43 -30.04 8.17
N THR B 198 5.70 -29.68 8.31
CA THR B 198 6.14 -28.44 8.95
C THR B 198 5.67 -27.19 8.20
N VAL B 199 5.45 -26.10 8.95
CA VAL B 199 5.06 -24.80 8.41
C VAL B 199 5.96 -23.72 9.01
N THR B 200 6.66 -22.98 8.15
CA THR B 200 7.65 -22.00 8.57
C THR B 200 7.40 -20.67 7.85
N CYS B 201 7.42 -19.58 8.59
CA CYS B 201 7.39 -18.27 7.95
C CYS B 201 8.81 -17.74 7.83
N ASN B 202 9.07 -17.06 6.71
CA ASN B 202 10.37 -16.48 6.38
C ASN B 202 10.21 -14.96 6.34
N VAL B 203 10.95 -14.27 7.18
CA VAL B 203 10.90 -12.82 7.26
C VAL B 203 12.24 -12.26 6.83
N ALA B 204 12.19 -11.31 5.89
CA ALA B 204 13.39 -10.63 5.39
C ALA B 204 13.25 -9.13 5.59
N HIS B 205 14.26 -8.52 6.23
CA HIS B 205 14.33 -7.07 6.36
C HIS B 205 15.58 -6.58 5.66
N PRO B 206 15.46 -6.04 4.44
CA PRO B 206 16.66 -5.62 3.70
C PRO B 206 17.47 -4.55 4.40
N ALA B 207 16.81 -3.52 4.97
CA ALA B 207 17.53 -2.39 5.53
C ALA B 207 18.47 -2.80 6.66
N SER B 208 18.02 -3.68 7.54
CA SER B 208 18.89 -4.25 8.57
C SER B 208 19.61 -5.50 8.10
N SER B 209 19.40 -5.91 6.85
CA SER B 209 20.00 -7.11 6.28
C SER B 209 19.84 -8.34 7.20
N THR B 210 18.62 -8.54 7.68
CA THR B 210 18.33 -9.66 8.59
C THR B 210 17.40 -10.66 7.92
N LYS B 211 17.65 -11.96 8.18
CA LYS B 211 16.82 -13.06 7.71
C LYS B 211 16.56 -13.97 8.90
N VAL B 212 15.29 -14.33 9.13
CA VAL B 212 14.93 -15.21 10.24
C VAL B 212 13.77 -16.11 9.85
N ASP B 213 13.88 -17.37 10.25
CA ASP B 213 12.85 -18.39 10.07
C ASP B 213 12.17 -18.67 11.40
N LYS B 214 10.85 -18.80 11.39
CA LYS B 214 10.11 -19.22 12.57
C LYS B 214 9.22 -20.40 12.20
N LYS B 215 9.54 -21.56 12.76
CA LYS B 215 8.68 -22.72 12.63
C LYS B 215 7.45 -22.55 13.52
N ILE B 216 6.29 -22.91 13.00
CA ILE B 216 5.04 -22.85 13.79
C ILE B 216 4.82 -24.22 14.41
N VAL B 217 5.06 -24.34 15.72
CA VAL B 217 4.97 -25.62 16.43
C VAL B 217 3.89 -25.53 17.50
N PRO B 218 3.18 -26.64 17.79
CA PRO B 218 2.19 -26.66 18.85
C PRO B 218 2.86 -26.30 20.18
N ARG B 219 2.10 -25.72 21.10
CA ARG B 219 2.68 -25.27 22.39
C ARG B 219 2.79 -26.47 23.34
N ASP B 220 3.34 -26.26 24.53
CA ASP B 220 3.53 -27.37 25.51
C ASP B 220 2.33 -27.51 26.45
N CYS B 221 1.16 -26.97 26.09
CA CYS B 221 -0.07 -27.23 26.88
C CYS B 221 -1.30 -27.13 25.98
O1 PG4 C . 1.79 28.62 -15.37
C1 PG4 C . 1.60 27.38 -14.72
C2 PG4 C . 2.51 26.32 -15.23
O2 PG4 C . 2.96 25.50 -14.16
C3 PG4 C . 3.02 24.14 -14.51
C4 PG4 C . 4.42 23.64 -14.37
O3 PG4 C . 5.08 23.71 -15.63
C5 PG4 C . 6.28 22.95 -15.64
C6 PG4 C . 6.99 23.13 -16.94
O4 PG4 C . 6.07 23.60 -17.92
C7 PG4 C . 6.66 23.68 -19.22
C8 PG4 C . 6.84 25.12 -19.59
O5 PG4 C . 5.84 25.58 -20.47
#